data_2PEZ
#
_entry.id   2PEZ
#
_cell.length_a   44.090
_cell.length_b   59.400
_cell.length_c   139.020
_cell.angle_alpha   90.00
_cell.angle_beta   90.00
_cell.angle_gamma   90.00
#
_symmetry.space_group_name_H-M   'P 21 21 21'
#
loop_
_entity.id
_entity.type
_entity.pdbx_description
1 polymer "Bifunctional 3'-phosphoadenosine 5'-phosphosulfate synthetase 1 (PAPS synthetase 1) (PAPSS 1) (Sulfurylase kinase 1) (SK1) (SK 1)"
2 non-polymer '(2S,3AR,4R,6R,6AR)-4-(6-AMINO-9H-PURIN-9-YL)-6-({[(R)-HYDROXY(SULFOOXY)PHOSPHORYL]OXY}METHYL)TETRAHYDROFURO[3,4-D][1,3,2]DIOXAPHOSPHOL-2-OL 2-OXIDE'
3 non-polymer "2'-DEOXYADENOSINE-5'-DIPHOSPHATE"
4 water water
#
_entity_poly.entity_id   1
_entity_poly.type   'polypeptide(L)'
_entity_poly.pdbx_seq_one_letter_code
;GHMRGCTVWLTGLSGAGKTTVSMALEEYLVCHGIPCYTLDGDNIRQGLNKNLGFSPEDREENVRRIAEVAKLFADAGLVC
ITSFISPYTQDRNNARQIHEGASLPFFEVFVDAPLHVCEQRDVKGLYKKARAGEIKGFTGIDSEYEKPEAPELVLKTDSC
DVNDCVQQVVELLQERDIV
;
_entity_poly.pdbx_strand_id   A,B
#
loop_
_chem_comp.id
_chem_comp.type
_chem_comp.name
_chem_comp.formula
DAT non-polymer 2'-DEOXYADENOSINE-5'-DIPHOSPHATE 'C10 H15 N5 O9 P2'
GGZ non-polymer '(2S,3AR,4R,6R,6AR)-4-(6-AMINO-9H-PURIN-9-YL)-6-({[(R)-HYDROXY(SULFOOXY)PHOSPHORYL]OXY}METHYL)TETRAHYDROFURO[3,4-D][1,3,2]DIOXAPHOSPHOL-2-OL 2-OXIDE' 'C10 H13 N5 O12 P2 S'
#
# COMPACT_ATOMS: atom_id res chain seq x y z
N ARG A 4 -4.08 15.67 -5.13
CA ARG A 4 -5.36 15.55 -4.34
C ARG A 4 -5.55 14.16 -3.72
N GLY A 5 -4.49 13.55 -3.21
CA GLY A 5 -4.68 12.21 -2.62
C GLY A 5 -5.43 12.29 -1.31
N CYS A 6 -6.08 11.19 -0.92
CA CYS A 6 -6.76 11.14 0.38
C CYS A 6 -7.08 9.67 0.66
N THR A 7 -7.52 9.40 1.88
CA THR A 7 -8.03 8.10 2.23
C THR A 7 -9.48 8.17 2.67
N VAL A 8 -10.28 7.32 2.04
CA VAL A 8 -11.68 7.10 2.40
C VAL A 8 -11.71 5.78 3.20
N TRP A 9 -11.85 5.88 4.52
CA TRP A 9 -11.67 4.75 5.42
C TRP A 9 -13.05 4.18 5.76
N LEU A 10 -13.43 3.05 5.17
CA LEU A 10 -14.73 2.44 5.48
C LEU A 10 -14.62 1.65 6.77
N THR A 11 -15.69 1.59 7.56
CA THR A 11 -15.69 0.74 8.75
C THR A 11 -17.11 0.30 8.94
N GLY A 12 -17.28 -0.92 9.43
CA GLY A 12 -18.64 -1.42 9.65
C GLY A 12 -18.67 -2.93 9.75
N LEU A 13 -19.77 -3.44 10.28
CA LEU A 13 -19.98 -4.89 10.43
C LEU A 13 -19.82 -5.67 9.14
N SER A 14 -19.53 -6.97 9.27
CA SER A 14 -19.55 -7.87 8.11
C SER A 14 -20.93 -7.82 7.46
N GLY A 15 -20.98 -7.64 6.14
CA GLY A 15 -22.25 -7.59 5.41
C GLY A 15 -22.97 -6.25 5.41
N ALA A 16 -22.33 -5.23 6.01
CA ALA A 16 -22.94 -3.90 6.07
C ALA A 16 -22.91 -3.22 4.69
N GLY A 17 -21.92 -3.53 3.87
CA GLY A 17 -21.86 -3.05 2.50
C GLY A 17 -20.53 -2.44 2.09
N LYS A 18 -19.43 -2.72 2.82
CA LYS A 18 -18.15 -2.11 2.50
C LYS A 18 -17.60 -2.49 1.13
N THR A 19 -17.60 -3.78 0.84
CA THR A 19 -17.13 -4.24 -0.47
C THR A 19 -17.97 -3.60 -1.59
N THR A 20 -19.29 -3.56 -1.38
CA THR A 20 -20.21 -3.14 -2.41
C THR A 20 -20.05 -1.64 -2.64
N VAL A 21 -19.97 -0.86 -1.57
CA VAL A 21 -19.72 0.58 -1.69
C VAL A 21 -18.34 0.90 -2.28
N SER A 22 -17.29 0.25 -1.80
CA SER A 22 -15.95 0.49 -2.34
C SER A 22 -15.85 0.21 -3.83
N MET A 23 -16.44 -0.90 -4.29
CA MET A 23 -16.40 -1.22 -5.72
C MET A 23 -17.13 -0.16 -6.54
N ALA A 24 -18.32 0.23 -6.10
CA ALA A 24 -19.11 1.21 -6.86
C ALA A 24 -18.46 2.58 -6.82
N LEU A 25 -17.86 2.94 -5.69
CA LEU A 25 -17.17 4.22 -5.56
C LEU A 25 -15.92 4.25 -6.44
N GLU A 26 -15.11 3.20 -6.38
CA GLU A 26 -13.94 3.08 -7.28
C GLU A 26 -14.37 3.21 -8.74
N GLU A 27 -15.44 2.49 -9.12
CA GLU A 27 -15.92 2.55 -10.52
C GLU A 27 -16.33 3.97 -10.92
N TYR A 28 -17.04 4.64 -10.03
CA TYR A 28 -17.41 6.02 -10.29
C TYR A 28 -16.18 6.90 -10.48
N LEU A 29 -15.23 6.80 -9.54
CA LEU A 29 -14.05 7.65 -9.60
C LEU A 29 -13.24 7.39 -10.87
N VAL A 30 -13.05 6.11 -11.22
CA VAL A 30 -12.29 5.75 -12.41
C VAL A 30 -12.94 6.33 -13.65
N CYS A 31 -14.28 6.28 -13.69
CA CYS A 31 -15.02 6.72 -14.87
C CYS A 31 -15.00 8.24 -15.02
N HIS A 32 -14.70 8.94 -13.94
CA HIS A 32 -14.60 10.41 -13.91
C HIS A 32 -13.15 10.92 -13.88
N GLY A 33 -12.22 10.04 -14.23
CA GLY A 33 -10.81 10.40 -14.35
C GLY A 33 -10.05 10.69 -13.07
N ILE A 34 -10.49 10.10 -11.96
CA ILE A 34 -9.86 10.32 -10.66
C ILE A 34 -9.13 9.06 -10.22
N PRO A 35 -7.78 9.11 -10.17
CA PRO A 35 -7.02 7.93 -9.81
C PRO A 35 -7.43 7.45 -8.44
N CYS A 36 -7.60 6.15 -8.33
CA CYS A 36 -8.01 5.59 -7.06
C CYS A 36 -7.51 4.14 -6.94
N TYR A 37 -7.59 3.58 -5.74
CA TYR A 37 -7.24 2.17 -5.55
C TYR A 37 -7.87 1.74 -4.24
N THR A 38 -8.41 0.52 -4.21
CA THR A 38 -9.00 -0.04 -3.03
C THR A 38 -8.11 -1.06 -2.35
N LEU A 39 -7.95 -0.90 -1.03
CA LEU A 39 -7.31 -1.88 -0.18
C LEU A 39 -8.42 -2.67 0.46
N ASP A 40 -8.36 -3.99 0.37
CA ASP A 40 -9.41 -4.81 0.94
C ASP A 40 -8.83 -6.15 1.40
N GLY A 41 -9.68 -7.07 1.87
CA GLY A 41 -9.17 -8.35 2.36
C GLY A 41 -8.48 -9.13 1.25
N ASP A 42 -9.01 -9.04 0.03
CA ASP A 42 -8.48 -9.81 -1.05
C ASP A 42 -7.06 -9.41 -1.43
N ASN A 43 -6.72 -8.12 -1.42
CA ASN A 43 -5.35 -7.75 -1.76
C ASN A 43 -4.42 -7.48 -0.59
N ILE A 44 -4.94 -7.45 0.65
CA ILE A 44 -4.16 -7.22 1.83
C ILE A 44 -3.97 -8.46 2.70
N ARG A 45 -5.06 -9.17 2.99
CA ARG A 45 -4.96 -10.21 4.02
C ARG A 45 -4.27 -11.50 3.61
N GLN A 46 -3.99 -11.66 2.33
CA GLN A 46 -3.13 -12.79 1.89
C GLN A 46 -1.83 -12.31 1.26
N GLY A 47 -1.50 -11.04 1.49
CA GLY A 47 -0.26 -10.44 0.98
C GLY A 47 0.51 -9.83 2.15
N LEU A 48 0.45 -8.52 2.23
CA LEU A 48 1.08 -7.80 3.32
C LEU A 48 0.71 -8.36 4.70
N ASN A 49 -0.57 -8.72 4.85
CA ASN A 49 -1.08 -9.11 6.16
C ASN A 49 -1.39 -10.59 6.26
N LYS A 50 -0.71 -11.38 5.43
CA LYS A 50 -0.89 -12.82 5.46
C LYS A 50 -0.42 -13.42 6.80
N ASN A 51 0.42 -12.71 7.53
CA ASN A 51 0.92 -13.19 8.80
C ASN A 51 0.17 -12.57 9.98
N LEU A 52 -1.11 -12.23 9.76
CA LEU A 52 -1.96 -11.74 10.85
C LEU A 52 -3.26 -12.49 10.85
N GLY A 53 -3.76 -12.80 12.05
CA GLY A 53 -5.11 -13.36 12.15
C GLY A 53 -6.15 -12.36 12.67
N PHE A 54 -7.02 -12.83 13.55
CA PHE A 54 -8.18 -12.04 13.96
C PHE A 54 -8.26 -11.81 15.45
N SER A 55 -7.20 -12.17 16.18
CA SER A 55 -7.15 -11.78 17.61
C SER A 55 -7.20 -10.26 17.72
N PRO A 56 -7.62 -9.72 18.86
CA PRO A 56 -7.57 -8.30 19.01
C PRO A 56 -6.20 -7.68 18.67
N GLU A 57 -5.08 -8.30 19.06
CA GLU A 57 -3.79 -7.66 18.76
C GLU A 57 -3.46 -7.73 17.27
N ASP A 58 -3.89 -8.80 16.60
CA ASP A 58 -3.65 -8.92 15.18
C ASP A 58 -4.55 -8.00 14.36
N ARG A 59 -5.77 -7.73 14.84
CA ARG A 59 -6.60 -6.69 14.22
C ARG A 59 -6.02 -5.31 14.38
N GLU A 60 -5.41 -5.04 15.54
CA GLU A 60 -4.75 -3.76 15.76
C GLU A 60 -3.64 -3.58 14.71
N GLU A 61 -2.85 -4.64 14.53
CA GLU A 61 -1.75 -4.57 13.58
C GLU A 61 -2.23 -4.58 12.12
N ASN A 62 -3.27 -5.35 11.82
CA ASN A 62 -3.88 -5.31 10.51
C ASN A 62 -4.18 -3.86 10.13
N VAL A 63 -4.93 -3.16 10.99
CA VAL A 63 -5.37 -1.81 10.71
C VAL A 63 -4.18 -0.84 10.69
N ARG A 64 -3.19 -1.02 11.57
CA ARG A 64 -2.02 -0.12 11.55
C ARG A 64 -1.30 -0.22 10.20
N ARG A 65 -1.06 -1.44 9.76
CA ARG A 65 -0.37 -1.61 8.47
C ARG A 65 -1.17 -1.04 7.29
N ILE A 66 -2.49 -1.30 7.30
CA ILE A 66 -3.34 -0.78 6.24
C ILE A 66 -3.34 0.75 6.27
N ALA A 67 -3.39 1.34 7.47
CA ALA A 67 -3.32 2.81 7.55
C ALA A 67 -2.02 3.37 6.96
N GLU A 68 -0.91 2.72 7.26
CA GLU A 68 0.37 3.20 6.71
C GLU A 68 0.38 3.07 5.19
N VAL A 69 -0.15 1.98 4.64
CA VAL A 69 -0.18 1.80 3.18
C VAL A 69 -1.12 2.81 2.53
N ALA A 70 -2.29 3.00 3.15
CA ALA A 70 -3.22 3.98 2.61
C ALA A 70 -2.56 5.38 2.58
N LYS A 71 -1.79 5.71 3.62
CA LYS A 71 -1.08 6.99 3.64
C LYS A 71 -0.11 7.09 2.44
N LEU A 72 0.57 6.00 2.12
CA LEU A 72 1.44 6.02 0.95
C LEU A 72 0.66 6.27 -0.35
N PHE A 73 -0.48 5.59 -0.52
CA PHE A 73 -1.29 5.81 -1.72
C PHE A 73 -1.83 7.24 -1.81
N ALA A 74 -2.23 7.79 -0.65
CA ALA A 74 -2.77 9.15 -0.66
C ALA A 74 -1.63 10.11 -1.00
N ASP A 75 -0.44 9.81 -0.45
CA ASP A 75 0.77 10.63 -0.69
C ASP A 75 1.11 10.59 -2.18
N ALA A 76 0.85 9.46 -2.83
CA ALA A 76 1.09 9.30 -4.28
C ALA A 76 0.06 10.00 -5.14
N GLY A 77 -1.01 10.49 -4.50
CA GLY A 77 -2.03 11.30 -5.17
C GLY A 77 -3.30 10.57 -5.53
N LEU A 78 -3.48 9.35 -5.03
CA LEU A 78 -4.66 8.53 -5.33
C LEU A 78 -5.70 8.76 -4.25
N VAL A 79 -6.96 8.57 -4.61
CA VAL A 79 -7.98 8.34 -3.57
C VAL A 79 -7.86 6.86 -3.15
N CYS A 80 -7.44 6.66 -1.92
CA CYS A 80 -7.29 5.30 -1.41
C CYS A 80 -8.53 4.93 -0.60
N ILE A 81 -9.25 3.91 -1.03
CA ILE A 81 -10.44 3.43 -0.32
C ILE A 81 -10.04 2.20 0.44
N THR A 82 -10.32 2.18 1.75
CA THR A 82 -10.03 0.97 2.55
C THR A 82 -11.33 0.31 3.00
N SER A 83 -11.44 -1.00 2.84
CA SER A 83 -12.65 -1.73 3.10
C SER A 83 -12.38 -2.84 4.10
N PHE A 84 -12.35 -2.47 5.37
CA PHE A 84 -12.07 -3.36 6.51
C PHE A 84 -13.03 -3.09 7.66
N ILE A 85 -13.41 -4.16 8.36
CA ILE A 85 -14.33 -3.99 9.50
C ILE A 85 -13.79 -2.91 10.41
N SER A 86 -12.49 -2.97 10.74
CA SER A 86 -11.81 -1.99 11.60
C SER A 86 -12.66 -1.65 12.82
N PRO A 87 -12.82 -2.64 13.71
CA PRO A 87 -13.84 -2.57 14.77
C PRO A 87 -13.42 -1.75 15.96
N TYR A 88 -12.16 -1.33 16.05
CA TYR A 88 -11.67 -0.67 17.28
C TYR A 88 -11.42 0.81 17.10
N THR A 89 -12.11 1.60 17.92
CA THR A 89 -12.00 3.05 17.86
C THR A 89 -10.56 3.56 17.93
N GLN A 90 -9.80 2.99 18.85
CA GLN A 90 -8.44 3.46 19.08
C GLN A 90 -7.60 3.32 17.82
N ASP A 91 -7.81 2.20 17.12
CA ASP A 91 -7.02 1.90 15.93
C ASP A 91 -7.46 2.74 14.73
N ARG A 92 -8.77 3.02 14.65
CA ARG A 92 -9.21 3.93 13.58
C ARG A 92 -8.69 5.34 13.84
N ASN A 93 -8.68 5.74 15.12
CA ASN A 93 -8.17 7.07 15.47
C ASN A 93 -6.68 7.16 15.16
N ASN A 94 -5.95 6.09 15.47
CA ASN A 94 -4.54 6.05 15.09
C ASN A 94 -4.34 6.16 13.58
N ALA A 95 -5.19 5.49 12.80
CA ALA A 95 -5.12 5.57 11.36
C ALA A 95 -5.31 7.00 10.88
N ARG A 96 -6.28 7.69 11.49
CA ARG A 96 -6.50 9.10 11.20
C ARG A 96 -5.26 9.96 11.56
N GLN A 97 -4.70 9.71 12.75
CA GLN A 97 -3.51 10.47 13.18
C GLN A 97 -2.32 10.29 12.22
N ILE A 98 -2.10 9.06 11.74
CA ILE A 98 -1.08 8.80 10.74
C ILE A 98 -1.22 9.73 9.53
N HIS A 99 -2.47 9.94 9.08
CA HIS A 99 -2.75 10.82 7.93
C HIS A 99 -2.60 12.29 8.29
N GLU A 100 -3.14 12.68 9.44
CA GLU A 100 -2.96 14.05 9.95
C GLU A 100 -1.49 14.41 10.06
N GLY A 101 -0.68 13.47 10.51
CA GLY A 101 0.77 13.67 10.66
C GLY A 101 1.45 14.01 9.34
N ALA A 102 0.89 13.54 8.24
CA ALA A 102 1.45 13.75 6.91
C ALA A 102 0.67 14.77 6.06
N SER A 103 -0.23 15.52 6.71
CA SER A 103 -1.07 16.50 6.05
C SER A 103 -1.90 15.90 4.92
N LEU A 104 -2.45 14.72 5.16
CA LEU A 104 -3.25 14.03 4.13
C LEU A 104 -4.68 13.87 4.62
N PRO A 105 -5.65 14.29 3.81
CA PRO A 105 -7.04 14.19 4.24
C PRO A 105 -7.48 12.74 4.47
N PHE A 106 -8.28 12.55 5.51
CA PHE A 106 -8.72 11.24 5.96
C PHE A 106 -10.18 11.34 6.26
N PHE A 107 -10.99 10.50 5.63
CA PHE A 107 -12.43 10.54 5.81
C PHE A 107 -12.93 9.22 6.35
N GLU A 108 -13.37 9.21 7.62
CA GLU A 108 -13.93 8.01 8.22
C GLU A 108 -15.39 7.86 7.77
N VAL A 109 -15.71 6.77 7.09
CA VAL A 109 -17.06 6.53 6.61
C VAL A 109 -17.62 5.29 7.25
N PHE A 110 -18.63 5.50 8.12
CA PHE A 110 -19.31 4.41 8.82
C PHE A 110 -20.36 3.81 7.90
N VAL A 111 -20.11 2.58 7.45
CA VAL A 111 -21.06 1.84 6.63
C VAL A 111 -21.93 1.13 7.62
N ASP A 112 -23.09 1.75 7.89
CA ASP A 112 -23.92 1.42 9.04
C ASP A 112 -25.21 0.71 8.63
N ALA A 113 -25.21 -0.60 8.85
CA ALA A 113 -26.45 -1.38 8.79
C ALA A 113 -26.62 -2.12 10.09
N PRO A 114 -27.85 -2.22 10.59
CA PRO A 114 -28.03 -2.95 11.85
C PRO A 114 -27.50 -4.38 11.75
N LEU A 115 -27.04 -4.89 12.89
CA LEU A 115 -26.63 -6.28 12.96
C LEU A 115 -27.70 -7.23 12.38
N HIS A 116 -28.97 -6.97 12.71
CA HIS A 116 -30.04 -7.86 12.25
C HIS A 116 -30.09 -7.90 10.72
N VAL A 117 -29.92 -6.74 10.07
CA VAL A 117 -29.86 -6.70 8.61
C VAL A 117 -28.64 -7.48 8.08
N CYS A 118 -27.50 -7.30 8.73
CA CYS A 118 -26.28 -7.98 8.28
C CYS A 118 -26.45 -9.50 8.43
N GLU A 119 -27.10 -9.92 9.52
CA GLU A 119 -27.37 -11.34 9.72
C GLU A 119 -28.41 -11.85 8.74
N GLN A 120 -29.37 -11.00 8.40
CA GLN A 120 -30.39 -11.39 7.42
C GLN A 120 -29.78 -11.51 6.02
N ARG A 121 -28.84 -10.63 5.66
CA ARG A 121 -28.11 -10.70 4.38
C ARG A 121 -27.19 -11.94 4.35
N ASP A 122 -26.61 -12.24 5.51
CA ASP A 122 -25.59 -13.31 5.69
C ASP A 122 -24.96 -13.72 4.37
N VAL A 123 -24.28 -12.74 3.76
CA VAL A 123 -23.70 -12.82 2.42
C VAL A 123 -22.81 -14.05 2.20
N LYS A 124 -22.08 -14.44 3.24
CA LYS A 124 -21.11 -15.53 3.12
C LYS A 124 -21.43 -16.68 4.07
N GLY A 125 -22.60 -16.64 4.70
CA GLY A 125 -23.00 -17.68 5.65
C GLY A 125 -22.28 -17.65 7.00
N LEU A 126 -21.47 -16.62 7.23
CA LEU A 126 -20.66 -16.56 8.44
C LEU A 126 -21.41 -16.31 9.74
N TYR A 127 -22.51 -15.56 9.67
CA TYR A 127 -23.24 -15.30 10.88
C TYR A 127 -23.88 -16.55 11.46
N LYS A 128 -24.40 -17.39 10.56
CA LYS A 128 -24.99 -18.67 10.96
C LYS A 128 -23.95 -19.54 11.68
N LYS A 129 -22.78 -19.66 11.07
CA LYS A 129 -21.68 -20.40 11.68
C LYS A 129 -21.26 -19.78 13.03
N ALA A 130 -21.13 -18.44 13.07
CA ALA A 130 -20.79 -17.74 14.31
C ALA A 130 -21.76 -18.04 15.47
N ARG A 131 -23.05 -17.95 15.17
CA ARG A 131 -24.07 -18.23 16.17
C ARG A 131 -24.00 -19.67 16.67
N ALA A 132 -23.63 -20.59 15.78
CA ALA A 132 -23.50 -22.02 16.10
C ALA A 132 -22.18 -22.33 16.84
N GLY A 133 -21.35 -21.29 17.02
CA GLY A 133 -20.04 -21.44 17.65
C GLY A 133 -19.00 -22.12 16.77
N GLU A 134 -19.34 -22.31 15.49
CA GLU A 134 -18.48 -22.98 14.50
C GLU A 134 -17.38 -22.04 14.05
N ILE A 135 -17.61 -20.75 14.22
CA ILE A 135 -16.55 -19.75 14.08
C ILE A 135 -16.57 -19.02 15.39
N LYS A 136 -15.40 -18.79 15.97
CA LYS A 136 -15.29 -18.14 17.27
C LYS A 136 -14.66 -16.75 17.08
N GLY A 137 -15.14 -15.74 17.83
CA GLY A 137 -14.62 -14.37 17.72
C GLY A 137 -15.10 -13.57 16.54
N PHE A 138 -16.27 -13.90 16.01
CA PHE A 138 -16.77 -13.18 14.85
C PHE A 138 -17.36 -11.86 15.28
N THR A 139 -16.93 -10.79 14.63
CA THR A 139 -17.36 -9.43 15.00
C THR A 139 -18.88 -9.34 15.03
N GLY A 140 -19.38 -8.77 16.11
CA GLY A 140 -20.82 -8.50 16.24
C GLY A 140 -21.53 -9.63 16.96
N ILE A 141 -20.94 -10.83 16.95
CA ILE A 141 -21.46 -12.01 17.67
C ILE A 141 -20.63 -12.38 18.91
N ASP A 142 -19.32 -12.48 18.76
CA ASP A 142 -18.43 -12.97 19.85
C ASP A 142 -17.15 -12.15 19.89
N SER A 143 -17.16 -10.98 19.25
CA SER A 143 -16.14 -9.98 19.48
C SER A 143 -16.73 -8.61 19.16
N GLU A 144 -16.15 -7.52 19.70
CA GLU A 144 -16.83 -6.23 19.62
C GLU A 144 -16.68 -5.45 18.33
N TYR A 145 -17.71 -4.67 18.02
CA TYR A 145 -17.63 -3.61 17.02
C TYR A 145 -17.91 -2.31 17.75
N GLU A 146 -16.91 -1.44 17.80
CA GLU A 146 -17.07 -0.10 18.41
C GLU A 146 -17.48 0.91 17.33
N LYS A 147 -18.74 1.31 17.38
CA LYS A 147 -19.30 2.27 16.45
C LYS A 147 -18.55 3.62 16.48
N PRO A 148 -18.23 4.18 15.30
CA PRO A 148 -17.65 5.53 15.23
C PRO A 148 -18.56 6.56 15.86
N GLU A 149 -17.99 7.51 16.59
CA GLU A 149 -18.81 8.52 17.21
C GLU A 149 -18.68 9.87 16.51
N ALA A 150 -17.64 10.03 15.68
CA ALA A 150 -17.45 11.28 14.94
C ALA A 150 -17.08 11.06 13.49
N PRO A 151 -17.78 10.14 12.79
CA PRO A 151 -17.29 9.87 11.44
C PRO A 151 -17.60 11.06 10.53
N GLU A 152 -16.85 11.23 9.47
CA GLU A 152 -17.18 12.23 8.43
C GLU A 152 -18.49 11.96 7.71
N LEU A 153 -18.89 10.69 7.62
CA LEU A 153 -20.10 10.32 6.89
C LEU A 153 -20.63 9.03 7.45
N VAL A 154 -21.94 8.93 7.57
CA VAL A 154 -22.60 7.67 7.90
C VAL A 154 -23.43 7.28 6.69
N LEU A 155 -23.18 6.09 6.13
CA LEU A 155 -23.95 5.52 5.05
C LEU A 155 -24.92 4.53 5.68
N LYS A 156 -26.19 4.89 5.66
CA LYS A 156 -27.22 4.00 6.16
C LYS A 156 -27.62 3.06 5.05
N THR A 157 -26.90 1.94 4.96
CA THR A 157 -27.08 1.02 3.83
C THR A 157 -28.36 0.16 3.87
N ASP A 158 -29.10 0.23 4.97
CA ASP A 158 -30.42 -0.39 5.00
C ASP A 158 -31.52 0.52 4.44
N SER A 159 -31.25 1.81 4.36
CA SER A 159 -32.30 2.75 3.89
C SER A 159 -31.93 3.51 2.62
N CYS A 160 -30.66 3.45 2.22
CA CYS A 160 -30.16 4.10 1.01
C CYS A 160 -29.65 3.00 0.11
N ASP A 161 -29.86 3.12 -1.19
CA ASP A 161 -29.31 2.15 -2.12
C ASP A 161 -27.83 2.45 -2.42
N VAL A 162 -27.18 1.56 -3.17
CA VAL A 162 -25.73 1.69 -3.36
C VAL A 162 -25.38 2.99 -4.07
N ASN A 163 -26.17 3.34 -5.08
CA ASN A 163 -25.85 4.53 -5.87
C ASN A 163 -26.01 5.79 -5.04
N ASP A 164 -27.03 5.82 -4.20
CA ASP A 164 -27.21 6.93 -3.29
C ASP A 164 -26.04 7.03 -2.32
N CYS A 165 -25.59 5.88 -1.80
CA CYS A 165 -24.45 5.87 -0.89
C CYS A 165 -23.17 6.38 -1.57
N VAL A 166 -22.94 5.94 -2.82
CA VAL A 166 -21.78 6.42 -3.56
C VAL A 166 -21.86 7.92 -3.77
N GLN A 167 -23.05 8.43 -4.10
CA GLN A 167 -23.19 9.87 -4.30
C GLN A 167 -22.94 10.63 -3.01
N GLN A 168 -23.31 10.04 -1.87
CA GLN A 168 -23.01 10.69 -0.60
C GLN A 168 -21.52 10.85 -0.39
N VAL A 169 -20.76 9.79 -0.71
CA VAL A 169 -19.31 9.88 -0.60
C VAL A 169 -18.71 10.90 -1.60
N VAL A 170 -19.16 10.84 -2.87
CA VAL A 170 -18.70 11.82 -3.88
C VAL A 170 -18.97 13.26 -3.40
N GLU A 171 -20.13 13.50 -2.81
CA GLU A 171 -20.43 14.83 -2.31
C GLU A 171 -19.49 15.27 -1.19
N LEU A 172 -19.14 14.34 -0.29
CA LEU A 172 -18.19 14.66 0.77
C LEU A 172 -16.84 15.04 0.13
N LEU A 173 -16.39 14.26 -0.85
CA LEU A 173 -15.13 14.54 -1.53
C LEU A 173 -15.16 15.87 -2.26
N GLN A 174 -16.31 16.24 -2.78
CA GLN A 174 -16.46 17.57 -3.43
C GLN A 174 -16.41 18.70 -2.37
N GLU A 175 -17.12 18.54 -1.26
CA GLU A 175 -17.11 19.51 -0.16
C GLU A 175 -15.71 19.77 0.41
N ARG A 176 -14.90 18.72 0.45
CA ARG A 176 -13.55 18.74 1.00
C ARG A 176 -12.48 18.95 -0.07
N ASP A 177 -12.92 19.40 -1.26
CA ASP A 177 -12.05 19.90 -2.33
C ASP A 177 -11.12 18.84 -2.93
N ILE A 178 -11.52 17.58 -2.81
CA ILE A 178 -10.78 16.46 -3.41
C ILE A 178 -11.13 16.28 -4.88
N VAL A 179 -12.42 16.26 -5.18
CA VAL A 179 -12.85 16.15 -6.58
C VAL A 179 -13.81 17.30 -6.90
N GLY B 5 1.43 -0.59 -12.55
CA GLY B 5 2.42 -0.75 -13.63
C GLY B 5 3.48 -1.84 -13.43
N CYS B 6 4.45 -1.53 -12.57
CA CYS B 6 5.58 -2.43 -12.40
C CYS B 6 6.34 -2.07 -11.14
N THR B 7 7.30 -2.90 -10.77
CA THR B 7 8.24 -2.55 -9.68
C THR B 7 9.65 -2.49 -10.20
N VAL B 8 10.31 -1.37 -9.97
CA VAL B 8 11.73 -1.21 -10.28
C VAL B 8 12.45 -1.32 -8.93
N TRP B 9 13.08 -2.48 -8.72
CA TRP B 9 13.65 -2.85 -7.44
C TRP B 9 15.15 -2.53 -7.47
N LEU B 10 15.54 -1.40 -6.93
CA LEU B 10 16.96 -1.04 -6.93
C LEU B 10 17.68 -1.80 -5.84
N THR B 11 18.95 -2.10 -6.08
CA THR B 11 19.76 -2.75 -5.06
C THR B 11 21.20 -2.35 -5.32
N GLY B 12 21.95 -2.14 -4.25
CA GLY B 12 23.34 -1.76 -4.42
C GLY B 12 23.86 -1.15 -3.15
N LEU B 13 25.19 -1.02 -3.09
CA LEU B 13 25.88 -0.55 -1.90
C LEU B 13 25.44 0.82 -1.47
N SER B 14 25.68 1.13 -0.19
CA SER B 14 25.50 2.51 0.27
C SER B 14 26.32 3.50 -0.56
N GLY B 15 25.69 4.51 -1.11
CA GLY B 15 26.41 5.49 -1.92
C GLY B 15 26.57 5.15 -3.40
N ALA B 16 26.03 4.01 -3.83
CA ALA B 16 26.14 3.60 -5.25
C ALA B 16 25.29 4.47 -6.18
N GLY B 17 24.20 5.03 -5.65
CA GLY B 17 23.40 5.96 -6.43
C GLY B 17 21.90 5.68 -6.49
N LYS B 18 21.39 4.85 -5.58
CA LYS B 18 19.96 4.49 -5.59
C LYS B 18 19.03 5.68 -5.38
N THR B 19 19.31 6.50 -4.36
CA THR B 19 18.48 7.68 -4.11
C THR B 19 18.49 8.60 -5.34
N THR B 20 19.68 8.80 -5.89
CA THR B 20 19.86 9.71 -7.02
C THR B 20 19.16 9.20 -8.26
N VAL B 21 19.29 7.91 -8.56
CA VAL B 21 18.65 7.35 -9.73
C VAL B 21 17.12 7.38 -9.51
N SER B 22 16.69 6.98 -8.31
CA SER B 22 15.22 6.93 -8.08
C SER B 22 14.57 8.31 -8.24
N MET B 23 15.24 9.35 -7.73
CA MET B 23 14.72 10.70 -7.83
C MET B 23 14.68 11.14 -9.29
N ALA B 24 15.77 10.89 -10.03
CA ALA B 24 15.76 11.35 -11.41
C ALA B 24 14.80 10.50 -12.27
N LEU B 25 14.68 9.21 -11.95
CA LEU B 25 13.73 8.37 -12.69
C LEU B 25 12.26 8.79 -12.46
N GLU B 26 11.91 9.07 -11.20
CA GLU B 26 10.57 9.53 -10.87
C GLU B 26 10.28 10.85 -11.58
N GLU B 27 11.25 11.77 -11.59
CA GLU B 27 11.14 13.05 -12.28
C GLU B 27 10.82 12.86 -13.75
N TYR B 28 11.57 12.00 -14.42
CA TYR B 28 11.31 11.72 -15.82
C TYR B 28 9.89 11.15 -16.03
N LEU B 29 9.48 10.21 -15.19
CA LEU B 29 8.20 9.57 -15.40
C LEU B 29 7.07 10.58 -15.18
N VAL B 30 7.16 11.37 -14.11
CA VAL B 30 6.11 12.34 -13.79
C VAL B 30 5.96 13.36 -14.91
N CYS B 31 7.09 13.82 -15.42
CA CYS B 31 7.01 14.82 -16.49
C CYS B 31 6.51 14.22 -17.82
N HIS B 32 6.54 12.89 -17.94
CA HIS B 32 5.99 12.22 -19.12
C HIS B 32 4.60 11.65 -18.87
N GLY B 33 4.00 12.06 -17.76
CA GLY B 33 2.63 11.68 -17.45
C GLY B 33 2.45 10.23 -16.99
N ILE B 34 3.53 9.60 -16.50
CA ILE B 34 3.49 8.21 -16.05
C ILE B 34 3.44 8.19 -14.53
N PRO B 35 2.36 7.65 -13.97
CA PRO B 35 2.21 7.59 -12.52
C PRO B 35 3.33 6.76 -11.90
N CYS B 36 3.86 7.27 -10.80
CA CYS B 36 4.94 6.56 -10.17
C CYS B 36 5.10 6.99 -8.73
N TYR B 37 5.72 6.14 -7.92
CA TYR B 37 5.96 6.46 -6.52
C TYR B 37 7.18 5.69 -6.06
N THR B 38 7.94 6.30 -5.16
CA THR B 38 9.16 5.69 -4.62
C THR B 38 8.94 5.28 -3.19
N LEU B 39 9.32 4.04 -2.89
CA LEU B 39 9.45 3.59 -1.50
C LEU B 39 10.91 3.64 -1.09
N ASP B 40 11.17 4.24 0.06
CA ASP B 40 12.53 4.38 0.54
C ASP B 40 12.54 4.43 2.06
N GLY B 41 13.71 4.60 2.67
CA GLY B 41 13.78 4.60 4.11
C GLY B 41 12.92 5.69 4.74
N ASP B 42 12.90 6.85 4.09
CA ASP B 42 12.18 8.01 4.60
C ASP B 42 10.67 7.77 4.71
N ASN B 43 10.08 6.94 3.85
CA ASN B 43 8.64 6.71 3.98
C ASN B 43 8.23 5.35 4.51
N ILE B 44 9.20 4.46 4.75
CA ILE B 44 8.93 3.11 5.26
C ILE B 44 9.40 2.87 6.70
N ARG B 45 10.61 3.31 7.03
CA ARG B 45 11.23 2.95 8.29
C ARG B 45 10.48 3.42 9.53
N GLN B 46 9.87 4.60 9.47
CA GLN B 46 9.14 5.13 10.63
C GLN B 46 7.63 5.03 10.45
N GLY B 47 7.20 4.30 9.42
CA GLY B 47 5.79 4.06 9.20
C GLY B 47 5.46 2.60 9.27
N LEU B 48 5.30 2.01 8.09
CA LEU B 48 4.93 0.60 8.00
C LEU B 48 5.89 -0.29 8.81
N ASN B 49 7.18 0.02 8.73
CA ASN B 49 8.16 -0.89 9.34
C ASN B 49 8.75 -0.38 10.66
N LYS B 50 8.03 0.52 11.32
CA LYS B 50 8.54 1.06 12.57
C LYS B 50 8.66 0.01 13.68
N ASN B 51 7.89 -1.08 13.58
CA ASN B 51 7.87 -2.11 14.63
C ASN B 51 8.78 -3.29 14.31
N LEU B 52 9.77 -3.05 13.45
CA LEU B 52 10.76 -4.05 13.12
C LEU B 52 12.14 -3.57 13.55
N GLY B 53 12.88 -4.48 14.17
CA GLY B 53 14.22 -4.17 14.68
C GLY B 53 15.34 -4.69 13.81
N PHE B 54 16.47 -4.92 14.47
CA PHE B 54 17.73 -5.30 13.83
C PHE B 54 17.94 -6.80 13.54
N SER B 55 17.15 -7.70 14.13
CA SER B 55 17.36 -9.15 13.97
C SER B 55 17.23 -9.62 12.52
N PRO B 56 17.94 -10.71 12.14
CA PRO B 56 17.74 -11.22 10.79
C PRO B 56 16.26 -11.44 10.43
N GLU B 57 15.51 -11.99 11.35
CA GLU B 57 14.10 -12.26 11.13
C GLU B 57 13.36 -10.94 10.79
N ASP B 58 13.63 -9.89 11.54
CA ASP B 58 12.95 -8.63 11.30
C ASP B 58 13.41 -7.98 10.02
N ARG B 59 14.67 -8.15 9.65
CA ARG B 59 15.12 -7.57 8.41
C ARG B 59 14.47 -8.29 7.24
N GLU B 60 14.26 -9.61 7.37
CA GLU B 60 13.60 -10.37 6.31
C GLU B 60 12.15 -9.91 6.15
N GLU B 61 11.51 -9.62 7.29
CA GLU B 61 10.13 -9.15 7.29
C GLU B 61 10.08 -7.73 6.74
N ASN B 62 11.11 -6.94 7.01
CA ASN B 62 11.20 -5.61 6.44
C ASN B 62 11.10 -5.65 4.91
N VAL B 63 11.92 -6.48 4.30
CA VAL B 63 11.91 -6.56 2.86
C VAL B 63 10.59 -7.15 2.35
N ARG B 64 10.06 -8.17 3.03
CA ARG B 64 8.81 -8.80 2.60
C ARG B 64 7.66 -7.77 2.56
N ARG B 65 7.58 -6.92 3.58
CA ARG B 65 6.54 -5.92 3.61
C ARG B 65 6.74 -4.87 2.51
N ILE B 66 7.98 -4.42 2.31
CA ILE B 66 8.25 -3.49 1.20
C ILE B 66 7.82 -4.10 -0.13
N ALA B 67 8.17 -5.35 -0.36
CA ALA B 67 7.79 -6.04 -1.61
C ALA B 67 6.28 -6.13 -1.76
N GLU B 68 5.58 -6.42 -0.66
CA GLU B 68 4.14 -6.51 -0.79
C GLU B 68 3.52 -5.13 -1.08
N VAL B 69 4.08 -4.06 -0.50
CA VAL B 69 3.58 -2.73 -0.82
C VAL B 69 3.90 -2.35 -2.27
N ALA B 70 5.13 -2.61 -2.72
CA ALA B 70 5.43 -2.33 -4.13
C ALA B 70 4.45 -3.08 -5.06
N LYS B 71 4.10 -4.31 -4.73
CA LYS B 71 3.16 -5.10 -5.52
C LYS B 71 1.81 -4.41 -5.61
N LEU B 72 1.34 -3.82 -4.51
CA LEU B 72 0.06 -3.10 -4.55
C LEU B 72 0.17 -1.89 -5.46
N PHE B 73 1.29 -1.14 -5.39
CA PHE B 73 1.47 -0.03 -6.32
C PHE B 73 1.49 -0.46 -7.78
N ALA B 74 2.21 -1.53 -8.05
CA ALA B 74 2.24 -2.09 -9.40
C ALA B 74 0.86 -2.51 -9.88
N ASP B 75 0.11 -3.18 -9.00
CA ASP B 75 -1.25 -3.61 -9.33
C ASP B 75 -2.17 -2.42 -9.59
N ALA B 76 -1.91 -1.32 -8.89
CA ALA B 76 -2.69 -0.09 -9.04
C ALA B 76 -2.36 0.66 -10.35
N GLY B 77 -1.28 0.26 -11.01
CA GLY B 77 -0.91 0.82 -12.29
C GLY B 77 0.23 1.80 -12.21
N LEU B 78 0.88 1.90 -11.03
CA LEU B 78 2.04 2.80 -10.87
C LEU B 78 3.35 2.12 -11.18
N VAL B 79 4.32 2.92 -11.63
CA VAL B 79 5.72 2.46 -11.57
C VAL B 79 6.17 2.68 -10.15
N CYS B 80 6.42 1.60 -9.41
CA CYS B 80 6.87 1.69 -8.03
C CYS B 80 8.37 1.48 -8.00
N ILE B 81 9.11 2.46 -7.52
CA ILE B 81 10.56 2.33 -7.43
C ILE B 81 10.92 2.09 -5.97
N THR B 82 11.69 1.05 -5.65
CA THR B 82 12.16 0.83 -4.30
C THR B 82 13.64 1.16 -4.23
N SER B 83 14.03 1.91 -3.21
CA SER B 83 15.37 2.42 -3.09
C SER B 83 15.94 1.97 -1.76
N PHE B 84 16.36 0.72 -1.71
CA PHE B 84 16.97 0.13 -0.50
C PHE B 84 18.21 -0.64 -0.91
N ILE B 85 19.17 -0.79 -0.01
CA ILE B 85 20.39 -1.53 -0.32
C ILE B 85 20.00 -2.93 -0.76
N SER B 86 19.07 -3.51 -0.05
CA SER B 86 18.55 -4.83 -0.43
C SER B 86 19.71 -5.84 -0.57
N PRO B 87 20.48 -6.09 0.51
CA PRO B 87 21.76 -6.82 0.33
C PRO B 87 21.68 -8.31 0.06
N TYR B 88 20.62 -8.98 0.52
CA TYR B 88 20.60 -10.46 0.45
C TYR B 88 19.81 -11.01 -0.73
N THR B 89 20.44 -11.94 -1.43
CA THR B 89 19.82 -12.57 -2.58
C THR B 89 18.47 -13.21 -2.27
N GLN B 90 18.40 -13.95 -1.17
CA GLN B 90 17.15 -14.59 -0.82
C GLN B 90 15.97 -13.61 -0.70
N ASP B 91 16.23 -12.43 -0.13
CA ASP B 91 15.17 -11.45 0.08
C ASP B 91 14.80 -10.84 -1.24
N ARG B 92 15.76 -10.57 -2.11
CA ARG B 92 15.41 -10.06 -3.45
C ARG B 92 14.58 -11.08 -4.27
N ASN B 93 14.98 -12.35 -4.23
CA ASN B 93 14.24 -13.44 -4.86
C ASN B 93 12.80 -13.53 -4.33
N ASN B 94 12.66 -13.32 -3.02
CA ASN B 94 11.31 -13.36 -2.40
C ASN B 94 10.46 -12.18 -2.94
N ALA B 95 11.08 -11.02 -3.03
CA ALA B 95 10.39 -9.87 -3.57
C ALA B 95 10.00 -10.14 -5.02
N ARG B 96 10.91 -10.72 -5.79
CA ARG B 96 10.59 -11.07 -7.18
C ARG B 96 9.40 -12.02 -7.30
N GLN B 97 9.42 -13.07 -6.49
CA GLN B 97 8.36 -14.07 -6.58
C GLN B 97 7.00 -13.53 -6.18
N ILE B 98 6.96 -12.65 -5.19
CA ILE B 98 5.74 -11.94 -4.82
C ILE B 98 5.09 -11.28 -6.06
N HIS B 99 5.92 -10.68 -6.92
CA HIS B 99 5.40 -10.07 -8.13
C HIS B 99 5.12 -11.07 -9.26
N GLU B 100 6.08 -11.97 -9.47
CA GLU B 100 5.98 -12.89 -10.59
C GLU B 100 4.77 -13.83 -10.46
N GLY B 101 4.42 -14.21 -9.24
CA GLY B 101 3.21 -15.02 -9.04
C GLY B 101 1.88 -14.35 -9.41
N ALA B 102 1.85 -13.01 -9.43
CA ALA B 102 0.75 -12.17 -9.84
C ALA B 102 0.93 -11.61 -11.26
N SER B 103 2.00 -12.01 -11.95
CA SER B 103 2.27 -11.50 -13.30
C SER B 103 2.40 -10.00 -13.36
N LEU B 104 3.04 -9.44 -12.33
CA LEU B 104 3.34 -8.03 -12.29
C LEU B 104 4.79 -7.88 -12.65
N PRO B 105 5.10 -7.05 -13.65
CA PRO B 105 6.49 -6.85 -14.06
C PRO B 105 7.38 -6.41 -12.90
N PHE B 106 8.52 -7.06 -12.77
CA PHE B 106 9.48 -6.79 -11.70
C PHE B 106 10.87 -6.67 -12.33
N PHE B 107 11.57 -5.59 -12.03
CA PHE B 107 12.89 -5.35 -12.62
C PHE B 107 13.88 -5.22 -11.49
N GLU B 108 14.75 -6.21 -11.32
CA GLU B 108 15.84 -6.10 -10.35
C GLU B 108 16.94 -5.30 -11.02
N VAL B 109 17.27 -4.14 -10.45
CA VAL B 109 18.20 -3.21 -11.07
C VAL B 109 19.40 -3.02 -10.16
N PHE B 110 20.56 -3.52 -10.59
CA PHE B 110 21.76 -3.45 -9.81
C PHE B 110 22.42 -2.09 -10.02
N VAL B 111 22.38 -1.25 -8.99
CA VAL B 111 23.03 0.05 -9.02
C VAL B 111 24.45 -0.23 -8.57
N ASP B 112 25.37 -0.28 -9.56
CA ASP B 112 26.65 -0.96 -9.36
C ASP B 112 27.79 0.05 -9.46
N ALA B 113 28.29 0.46 -8.31
CA ALA B 113 29.56 1.22 -8.28
C ALA B 113 30.49 0.43 -7.36
N PRO B 114 31.79 0.44 -7.65
CA PRO B 114 32.70 -0.24 -6.72
C PRO B 114 32.66 0.33 -5.31
N LEU B 115 32.94 -0.52 -4.32
CA LEU B 115 32.99 -0.05 -2.94
C LEU B 115 33.91 1.18 -2.79
N HIS B 116 35.03 1.16 -3.53
CA HIS B 116 36.02 2.21 -3.41
C HIS B 116 35.40 3.53 -3.80
N VAL B 117 34.63 3.52 -4.88
CA VAL B 117 33.90 4.74 -5.32
C VAL B 117 32.88 5.18 -4.30
N CYS B 118 32.11 4.22 -3.79
CA CYS B 118 31.10 4.55 -2.77
C CYS B 118 31.74 5.19 -1.55
N GLU B 119 32.90 4.67 -1.14
CA GLU B 119 33.63 5.17 0.02
C GLU B 119 34.19 6.56 -0.24
N GLN B 120 34.61 6.81 -1.47
CA GLN B 120 35.19 8.09 -1.86
C GLN B 120 34.11 9.16 -2.00
N ARG B 121 32.91 8.73 -2.39
CA ARG B 121 31.77 9.61 -2.50
C ARG B 121 31.34 9.99 -1.11
N ASP B 122 31.33 9.00 -0.21
CA ASP B 122 30.81 9.13 1.17
C ASP B 122 29.77 10.23 1.31
N VAL B 123 28.74 10.15 0.46
CA VAL B 123 27.72 11.20 0.29
C VAL B 123 27.11 11.62 1.60
N LYS B 124 26.79 10.62 2.41
CA LYS B 124 26.56 10.80 3.81
C LYS B 124 27.79 10.17 4.40
N GLY B 125 28.41 10.88 5.34
CA GLY B 125 29.69 10.45 5.93
C GLY B 125 29.67 9.08 6.62
N LEU B 126 28.77 8.21 6.17
CA LEU B 126 28.60 6.86 6.76
C LEU B 126 29.86 6.01 6.76
N TYR B 127 30.62 6.06 5.67
CA TYR B 127 31.93 5.45 5.62
C TYR B 127 32.87 6.34 6.46
N GLU B 144 26.93 -9.09 4.70
CA GLU B 144 27.61 -8.46 3.59
C GLU B 144 26.72 -8.43 2.35
N TYR B 145 27.06 -7.54 1.44
CA TYR B 145 26.29 -7.36 0.22
C TYR B 145 26.50 -8.53 -0.75
N GLU B 146 25.39 -9.12 -1.20
CA GLU B 146 25.43 -10.22 -2.15
C GLU B 146 25.01 -9.68 -3.50
N LYS B 147 25.96 -9.62 -4.43
CA LYS B 147 25.67 -9.01 -5.73
C LYS B 147 24.53 -9.73 -6.44
N PRO B 148 23.65 -8.97 -7.08
CA PRO B 148 22.58 -9.58 -7.89
C PRO B 148 23.06 -10.63 -8.85
N GLU B 149 22.35 -11.74 -8.91
CA GLU B 149 22.80 -12.88 -9.73
C GLU B 149 22.57 -12.65 -11.23
N ALA B 150 21.34 -12.28 -11.57
CA ALA B 150 21.02 -12.05 -12.97
C ALA B 150 19.98 -10.94 -13.04
N PRO B 151 20.36 -9.72 -12.65
CA PRO B 151 19.40 -8.63 -12.64
C PRO B 151 18.94 -8.29 -14.07
N GLU B 152 17.77 -7.67 -14.20
CA GLU B 152 17.28 -7.22 -15.51
C GLU B 152 18.13 -6.08 -16.08
N LEU B 153 18.79 -5.33 -15.21
CA LEU B 153 19.58 -4.19 -15.60
C LEU B 153 20.69 -3.96 -14.61
N VAL B 154 21.86 -3.55 -15.11
CA VAL B 154 22.96 -3.06 -14.29
C VAL B 154 23.21 -1.64 -14.69
N LEU B 155 23.20 -0.74 -13.70
CA LEU B 155 23.52 0.67 -13.90
C LEU B 155 24.91 0.87 -13.37
N LYS B 156 25.88 1.11 -14.24
CA LYS B 156 27.26 1.30 -13.80
C LYS B 156 27.49 2.77 -13.51
N THR B 157 27.23 3.16 -12.26
CA THR B 157 27.12 4.56 -11.92
C THR B 157 28.45 5.26 -11.80
N ASP B 158 29.54 4.49 -11.88
CA ASP B 158 30.89 5.08 -11.93
C ASP B 158 31.27 5.43 -13.34
N SER B 159 30.62 4.81 -14.33
CA SER B 159 31.04 5.07 -15.71
C SER B 159 30.03 5.81 -16.56
N CYS B 160 28.81 5.98 -16.05
CA CYS B 160 27.98 6.89 -16.79
C CYS B 160 27.14 7.71 -15.85
N ASP B 161 26.61 8.79 -16.38
CA ASP B 161 26.00 9.76 -15.53
C ASP B 161 24.54 9.45 -15.21
N VAL B 162 23.96 10.26 -14.34
CA VAL B 162 22.60 10.01 -13.86
C VAL B 162 21.60 9.96 -14.99
N ASN B 163 21.71 10.91 -15.93
CA ASN B 163 20.76 10.92 -17.02
C ASN B 163 20.85 9.70 -17.92
N ASP B 164 22.05 9.21 -18.14
CA ASP B 164 22.21 8.00 -18.95
C ASP B 164 21.67 6.78 -18.21
N CYS B 165 21.93 6.71 -16.90
CA CYS B 165 21.34 5.64 -16.10
C CYS B 165 19.80 5.64 -16.17
N VAL B 166 19.20 6.83 -16.03
CA VAL B 166 17.73 6.95 -16.16
C VAL B 166 17.27 6.44 -17.52
N GLN B 167 17.99 6.84 -18.57
CA GLN B 167 17.62 6.44 -19.93
C GLN B 167 17.65 4.91 -20.11
N GLN B 168 18.64 4.26 -19.48
CA GLN B 168 18.70 2.79 -19.51
C GLN B 168 17.47 2.17 -18.89
N VAL B 169 17.02 2.74 -17.75
CA VAL B 169 15.79 2.23 -17.13
C VAL B 169 14.57 2.49 -18.01
N VAL B 170 14.46 3.72 -18.53
CA VAL B 170 13.34 4.06 -19.39
C VAL B 170 13.27 3.10 -20.60
N GLU B 171 14.42 2.81 -21.20
CA GLU B 171 14.47 1.91 -22.35
C GLU B 171 13.92 0.53 -22.00
N LEU B 172 14.32 0.01 -20.83
CA LEU B 172 13.85 -1.26 -20.28
C LEU B 172 12.33 -1.23 -20.15
N LEU B 173 11.81 -0.15 -19.56
CA LEU B 173 10.36 -0.02 -19.39
C LEU B 173 9.60 0.09 -20.72
N GLN B 174 10.21 0.73 -21.72
CA GLN B 174 9.58 0.86 -23.04
C GLN B 174 9.45 -0.49 -23.70
N GLU B 175 10.52 -1.28 -23.60
CA GLU B 175 10.56 -2.61 -24.20
C GLU B 175 9.49 -3.52 -23.62
N ARG B 176 9.15 -3.30 -22.35
CA ARG B 176 8.11 -4.08 -21.67
C ARG B 176 6.75 -3.37 -21.61
N ASP B 177 6.61 -2.30 -22.40
CA ASP B 177 5.35 -1.58 -22.59
C ASP B 177 4.76 -0.96 -21.31
N ILE B 178 5.64 -0.47 -20.44
CA ILE B 178 5.27 0.29 -19.25
C ILE B 178 5.32 1.79 -19.56
N VAL B 179 6.17 2.13 -20.54
CA VAL B 179 6.45 3.50 -20.95
C VAL B 179 6.48 3.48 -22.48
C2 GGZ C . -14.78 -10.88 11.60
C4 GGZ C . -13.87 -12.32 10.04
C5 GGZ C . -13.42 -13.21 11.07
C6 GGZ C . -13.72 -12.82 12.38
C8 GGZ C . -12.96 -13.85 9.36
N1 GGZ C . -14.40 -11.68 12.62
O3P GGZ C . -17.73 -10.98 5.52
P1 GGZ C . -16.27 -11.24 5.22
O2' GGZ C . -15.72 -12.34 6.27
O1P GGZ C . -15.78 -11.58 3.84
O3' GGZ C . -15.37 -10.04 5.76
C3' GGZ C . -14.75 -10.32 7.00
C4' GGZ C . -13.25 -10.18 6.93
C5' GGZ C . -12.96 -9.13 7.98
O5' GGZ C . -11.57 -8.90 7.93
P2 GGZ C . -11.03 -7.42 8.22
O4P GGZ C . -9.57 -7.33 7.90
O5P GGZ C . -11.99 -6.41 7.63
O6P GGZ C . -11.22 -7.42 9.82
S2 GGZ C . -10.50 -6.36 10.81
OS3 GGZ C . -10.55 -5.06 10.16
OS2 GGZ C . -11.33 -6.45 12.05
OS1 GGZ C . -9.15 -6.88 11.02
C2' GGZ C . -14.99 -11.78 7.34
C1' GGZ C . -13.63 -12.44 7.47
O4' GGZ C . -12.64 -11.44 7.27
N9 GGZ C . -13.52 -12.86 8.87
N7 GGZ C . -12.77 -14.30 10.53
N6 GGZ C . -13.35 -13.57 13.46
N3 GGZ C . -14.53 -11.18 10.31
PB DAT D . -19.08 -6.09 3.65
O1B DAT D . -18.89 -7.36 4.45
O2B DAT D . -19.35 -4.89 4.54
O3B DAT D . -17.99 -5.86 2.63
PA DAT D . -20.74 -6.59 1.29
O1A DAT D . -20.62 -5.34 0.50
O2A DAT D . -19.94 -7.80 0.86
O3A DAT D . -20.48 -6.29 2.83
O5' DAT D . -22.29 -7.05 1.34
C5' DAT D . -23.39 -6.15 1.50
C4' DAT D . -24.66 -6.81 0.98
O4' DAT D . -25.69 -5.83 1.16
C3' DAT D . -24.55 -7.05 -0.51
O3' DAT D . -25.29 -8.23 -0.82
C2' DAT D . -25.24 -5.86 -1.15
C1' DAT D . -26.26 -5.49 -0.10
N9 DAT D . -26.64 -4.06 -0.05
C8 DAT D . -27.93 -3.59 -0.03
N7 DAT D . -27.94 -2.23 0.04
C5 DAT D . -26.66 -1.81 0.10
C6 DAT D . -25.97 -0.52 0.17
N6 DAT D . -26.67 0.62 0.22
N1 DAT D . -24.63 -0.57 0.16
C2 DAT D . -23.98 -1.69 0.08
N3 DAT D . -24.47 -2.90 0.06
C4 DAT D . -25.86 -3.00 0.04
PB DAT E . 22.53 5.54 -2.24
O1B DAT E . 21.08 6.00 -2.27
O2B DAT E . 22.82 4.38 -3.18
O3B DAT E . 23.09 5.39 -0.84
PA DAT E . 22.97 8.27 -3.29
O1A DAT E . 22.12 8.34 -4.53
O2A DAT E . 22.51 9.01 -2.06
O3A DAT E . 23.38 6.79 -2.89
O5' DAT E . 24.41 8.93 -3.62
C5' DAT E . 25.10 8.64 -4.83
C4' DAT E . 26.13 9.75 -5.03
O4' DAT E . 26.87 9.41 -6.20
C3' DAT E . 25.52 11.15 -5.29
O3' DAT E . 26.43 12.14 -4.79
C2' DAT E . 25.47 11.31 -6.79
C1' DAT E . 26.70 10.47 -7.14
N9 DAT E . 26.61 9.87 -8.47
C8 DAT E . 27.56 10.01 -9.45
N7 DAT E . 27.21 9.37 -10.59
C5 DAT E . 25.98 8.83 -10.39
C6 DAT E . 25.07 8.03 -11.17
N6 DAT E . 25.30 7.73 -12.45
N1 DAT E . 23.94 7.70 -10.54
C2 DAT E . 23.73 7.98 -9.29
N3 DAT E . 24.45 8.68 -8.51
C4 DAT E . 25.64 9.14 -9.03
#